data_3TPM
#
_entry.id   3TPM
#
_cell.length_a   78.658
_cell.length_b   90.116
_cell.length_c   98.853
_cell.angle_alpha   90.000
_cell.angle_beta   90.000
_cell.angle_gamma   90.000
#
_symmetry.space_group_name_H-M   'P 21 21 21'
#
loop_
_entity.id
_entity.type
_entity.pdbx_description
1 polymer 'Importin subunit alpha-2'
2 polymer MAL
3 water water
#
loop_
_entity_poly.entity_id
_entity_poly.type
_entity_poly.pdbx_seq_one_letter_code
_entity_poly.pdbx_strand_id
1 'polypeptide(L)'
;NWSVEDIVKGINSNNLESQLQATQAARKLLSREKQPPIDNIIRAGLIPKFVSFLGKTDCSPIQFESAWALTNIASGTSEQ
TKAVVDGGAIPAFISLLASPHAHISEQAVWALGNIAGDGSAFRDLVIKHGAIDPLLALLAVPDLSTLACGYLRNLTWTLS
NLCRNKNPAPPLDAVEQILPTLVRLLHHNDPEVLADSCWAISYLTDGPNERIEMVVKKGVVPQLVKLLGATELPIVTPAL
RAIGNIVTGTDEQTQKVIDAGALAVFPSLLTNPKTNIQKEATWTMSNITAGRQDQIQQVVNHGLVPFLVGVLSKADFKTQ
KEAAWAITNYTSGGTVEQIVYLVHCGIIEPLMNLLSAKDTKIIQVILDAISNIFQAAEKLGETEKLSIMIEECGGLDKIE
ALQRHENESVYKASLNLIEKYF
;
A
2 'polypeptide(L)'
;LSERKNVLQLKLQQRRTREELVSQGIMPPLKSPAAFHEQRRSLERARTEDYLKRKIRSRPERAELVRMHILEETSAEPSL
QAKQLKLKRARLADDLNEKIAQRPGPMELVEKNILPVESS
;
B
#
# COMPACT_ATOMS: atom_id res chain seq x y z
N ASN A 1 -33.32 18.38 3.15
CA ASN A 1 -34.16 19.18 4.03
C ASN A 1 -35.41 18.42 4.44
N TRP A 2 -35.82 17.40 3.68
CA TRP A 2 -37.08 16.68 4.01
C TRP A 2 -36.84 15.80 5.19
N SER A 3 -37.87 15.50 5.96
CA SER A 3 -37.76 14.45 6.98
C SER A 3 -37.81 13.05 6.29
N VAL A 4 -37.36 12.01 6.99
CA VAL A 4 -37.34 10.65 6.44
C VAL A 4 -38.77 10.16 6.21
N GLU A 5 -39.65 10.52 7.12
CA GLU A 5 -41.04 10.20 6.95
C GLU A 5 -41.65 10.77 5.67
N ASP A 6 -41.28 11.98 5.30
CA ASP A 6 -41.80 12.51 4.05
C ASP A 6 -41.25 11.83 2.84
N ILE A 7 -39.95 11.48 2.91
CA ILE A 7 -39.28 10.80 1.82
C ILE A 7 -39.96 9.44 1.67
N VAL A 8 -40.30 8.78 2.79
CA VAL A 8 -41.02 7.49 2.71
C VAL A 8 -42.40 7.63 2.05
N LYS A 9 -43.17 8.62 2.50
CA LYS A 9 -44.47 8.99 1.86
C LYS A 9 -44.33 9.17 0.35
N GLY A 10 -43.39 10.00 -0.08
CA GLY A 10 -43.06 10.20 -1.50
C GLY A 10 -42.70 8.92 -2.25
N ILE A 11 -41.81 8.12 -1.67
CA ILE A 11 -41.32 6.92 -2.33
C ILE A 11 -42.41 5.85 -2.45
N ASN A 12 -43.32 5.80 -1.47
CA ASN A 12 -44.36 4.79 -1.53
C ASN A 12 -45.56 5.29 -2.28
N SER A 13 -45.52 6.54 -2.77
CA SER A 13 -46.65 7.02 -3.50
C SER A 13 -46.74 6.24 -4.81
N ASN A 14 -47.84 6.29 -5.48
CA ASN A 14 -47.69 5.48 -6.67
C ASN A 14 -47.17 6.27 -7.90
N ASN A 15 -46.29 7.24 -7.73
CA ASN A 15 -46.24 8.31 -8.76
C ASN A 15 -44.79 8.52 -9.01
N LEU A 16 -44.37 8.17 -10.20
CA LEU A 16 -42.95 8.13 -10.48
C LEU A 16 -42.28 9.48 -10.23
N GLU A 17 -42.97 10.55 -10.58
CA GLU A 17 -42.38 11.89 -10.38
C GLU A 17 -42.36 12.21 -8.90
N SER A 18 -43.45 11.91 -8.16
CA SER A 18 -43.36 12.04 -6.67
C SER A 18 -42.17 11.15 -6.10
N GLN A 19 -42.00 9.92 -6.61
CA GLN A 19 -40.91 9.05 -6.17
C GLN A 19 -39.55 9.68 -6.52
N LEU A 20 -39.50 10.30 -7.70
CA LEU A 20 -38.30 11.01 -8.09
C LEU A 20 -37.94 12.14 -7.12
N GLN A 21 -38.87 13.04 -6.83
CA GLN A 21 -38.51 14.13 -5.86
C GLN A 21 -38.13 13.63 -4.53
N ALA A 22 -38.83 12.60 -4.07
CA ALA A 22 -38.51 12.05 -2.77
C ALA A 22 -37.09 11.37 -2.78
N THR A 23 -36.72 10.74 -3.88
CA THR A 23 -35.42 10.08 -4.02
C THR A 23 -34.31 11.15 -4.07
N GLN A 24 -34.56 12.21 -4.82
CA GLN A 24 -33.67 13.31 -4.79
C GLN A 24 -33.49 13.89 -3.40
N ALA A 25 -34.61 14.04 -2.69
CA ALA A 25 -34.52 14.55 -1.36
C ALA A 25 -33.72 13.59 -0.42
N ALA A 26 -33.86 12.29 -0.63
CA ALA A 26 -33.02 11.34 0.12
C ALA A 26 -31.52 11.54 -0.22
N ARG A 27 -31.25 11.79 -1.50
CA ARG A 27 -29.91 11.98 -1.97
C ARG A 27 -29.31 13.17 -1.26
N LYS A 28 -30.08 14.23 -1.12
CA LYS A 28 -29.55 15.44 -0.47
C LYS A 28 -29.30 15.22 0.96
N LEU A 29 -30.25 14.59 1.66
CA LEU A 29 -29.99 14.20 3.08
C LEU A 29 -28.67 13.42 3.29
N LEU A 30 -28.46 12.45 2.37
CA LEU A 30 -27.35 11.48 2.48
C LEU A 30 -26.08 12.13 1.97
N SER A 31 -26.21 13.26 1.27
CA SER A 31 -25.07 14.05 0.78
C SER A 31 -24.45 15.13 1.69
N ARG A 32 -24.78 15.11 2.98
CA ARG A 32 -24.27 16.13 3.94
C ARG A 32 -23.21 15.50 4.93
N GLU A 33 -22.23 16.30 5.39
CA GLU A 33 -21.04 15.75 6.08
C GLU A 33 -21.38 15.21 7.44
N LYS A 34 -22.04 16.07 8.22
CA LYS A 34 -22.33 15.80 9.61
C LYS A 34 -23.46 14.77 9.70
N GLN A 35 -23.00 13.53 9.92
CA GLN A 35 -23.76 12.27 10.00
C GLN A 35 -25.04 12.30 9.27
N PRO A 36 -24.93 12.05 7.97
CA PRO A 36 -26.10 11.72 7.21
C PRO A 36 -26.84 10.57 7.93
N PRO A 37 -28.17 10.60 7.97
CA PRO A 37 -28.88 9.57 8.73
C PRO A 37 -29.07 8.27 7.93
N ILE A 38 -27.95 7.65 7.59
CA ILE A 38 -27.96 6.36 6.91
C ILE A 38 -28.83 5.28 7.61
N ASP A 39 -28.66 5.11 8.92
CA ASP A 39 -29.37 4.04 9.60
C ASP A 39 -30.87 4.30 9.56
N ASN A 40 -31.25 5.54 9.79
CA ASN A 40 -32.68 5.94 9.59
C ASN A 40 -33.30 5.55 8.22
N ILE A 41 -32.57 5.84 7.14
CA ILE A 41 -32.91 5.46 5.79
C ILE A 41 -33.07 3.96 5.60
N ILE A 42 -32.08 3.21 6.09
CA ILE A 42 -32.05 1.78 5.98
C ILE A 42 -33.24 1.26 6.75
N ARG A 43 -33.43 1.82 7.95
CA ARG A 43 -34.50 1.31 8.80
C ARG A 43 -35.92 1.60 8.25
N ALA A 44 -36.08 2.66 7.46
CA ALA A 44 -37.39 2.92 6.83
C ALA A 44 -37.63 1.95 5.66
N GLY A 45 -36.71 1.05 5.35
CA GLY A 45 -36.97 0.08 4.31
C GLY A 45 -36.68 0.68 2.91
N LEU A 46 -35.91 1.76 2.81
CA LEU A 46 -35.80 2.43 1.48
C LEU A 46 -34.88 1.75 0.43
N ILE A 47 -33.95 0.89 0.90
CA ILE A 47 -32.95 0.36 -0.03
C ILE A 47 -33.56 -0.44 -1.20
N PRO A 48 -34.51 -1.36 -0.92
CA PRO A 48 -35.16 -2.10 -2.02
C PRO A 48 -35.84 -1.17 -3.03
N LYS A 49 -36.46 -0.06 -2.59
CA LYS A 49 -37.06 0.86 -3.56
C LYS A 49 -35.95 1.55 -4.38
N PHE A 50 -34.88 2.03 -3.71
CA PHE A 50 -33.77 2.61 -4.50
C PHE A 50 -33.26 1.62 -5.53
N VAL A 51 -33.03 0.39 -5.10
CA VAL A 51 -32.53 -0.59 -6.03
C VAL A 51 -33.49 -0.77 -7.22
N SER A 52 -34.82 -0.83 -7.00
CA SER A 52 -35.67 -1.03 -8.17
C SER A 52 -35.65 0.26 -9.04
N PHE A 53 -35.40 1.40 -8.46
CA PHE A 53 -35.28 2.62 -9.29
C PHE A 53 -34.06 2.64 -10.24
N LEU A 54 -32.99 1.92 -9.85
CA LEU A 54 -31.79 1.72 -10.67
C LEU A 54 -32.15 1.16 -12.04
N GLY A 55 -33.23 0.39 -12.11
CA GLY A 55 -33.66 -0.23 -13.37
C GLY A 55 -34.65 0.57 -14.16
N LYS A 56 -34.91 1.83 -13.81
CA LYS A 56 -35.94 2.59 -14.54
C LYS A 56 -35.37 3.35 -15.71
N THR A 57 -35.19 2.65 -16.82
CA THR A 57 -34.47 3.19 -17.98
C THR A 57 -35.14 4.39 -18.59
N ASP A 58 -36.46 4.43 -18.40
CA ASP A 58 -37.26 5.51 -18.86
C ASP A 58 -37.19 6.73 -18.00
N CYS A 59 -36.57 6.65 -16.82
CA CYS A 59 -36.50 7.83 -15.98
C CYS A 59 -35.04 7.90 -15.48
N SER A 60 -34.17 8.32 -16.40
CA SER A 60 -32.76 8.43 -16.09
C SER A 60 -32.53 9.32 -14.83
N PRO A 61 -33.32 10.42 -14.64
CA PRO A 61 -33.01 11.10 -13.35
C PRO A 61 -33.21 10.24 -12.03
N ILE A 62 -34.23 9.40 -11.97
CA ILE A 62 -34.39 8.61 -10.77
C ILE A 62 -33.30 7.50 -10.70
N GLN A 63 -32.76 7.05 -11.85
CA GLN A 63 -31.61 6.13 -11.85
C GLN A 63 -30.41 6.83 -11.18
N PHE A 64 -30.19 8.08 -11.55
CA PHE A 64 -29.03 8.84 -11.07
C PHE A 64 -29.21 9.09 -9.58
N GLU A 65 -30.39 9.57 -9.19
CA GLU A 65 -30.60 9.98 -7.76
C GLU A 65 -30.51 8.76 -6.81
N SER A 66 -31.05 7.64 -7.29
CA SER A 66 -30.97 6.48 -6.47
C SER A 66 -29.58 5.89 -6.46
N ALA A 67 -28.85 5.91 -7.59
CA ALA A 67 -27.43 5.49 -7.63
C ALA A 67 -26.60 6.26 -6.59
N TRP A 68 -26.82 7.55 -6.55
CA TRP A 68 -26.09 8.40 -5.61
C TRP A 68 -26.49 8.12 -4.18
N ALA A 69 -27.80 8.00 -3.96
CA ALA A 69 -28.27 7.74 -2.63
C ALA A 69 -27.60 6.42 -2.16
N LEU A 70 -27.62 5.39 -3.02
CA LEU A 70 -27.09 4.10 -2.58
C LEU A 70 -25.56 4.12 -2.44
N THR A 71 -24.87 4.89 -3.28
CA THR A 71 -23.44 5.10 -3.18
C THR A 71 -23.12 5.54 -1.80
N ASN A 72 -23.89 6.50 -1.28
CA ASN A 72 -23.57 7.05 0.01
C ASN A 72 -23.90 6.11 1.15
N ILE A 73 -24.97 5.35 1.01
CA ILE A 73 -25.25 4.31 2.02
C ILE A 73 -24.08 3.27 2.04
N ALA A 74 -23.64 2.87 0.85
CA ALA A 74 -22.59 1.84 0.70
C ALA A 74 -21.21 2.37 1.15
N SER A 75 -21.06 3.70 1.28
CA SER A 75 -19.85 4.31 1.79
C SER A 75 -19.70 4.20 3.30
N GLY A 76 -20.70 3.65 4.01
CA GLY A 76 -20.72 3.73 5.49
C GLY A 76 -20.01 2.53 6.10
N THR A 77 -20.54 2.02 7.22
CA THR A 77 -19.96 0.88 7.92
C THR A 77 -20.22 -0.39 7.07
N SER A 78 -19.53 -1.45 7.40
CA SER A 78 -19.75 -2.74 6.78
C SER A 78 -21.18 -3.17 6.79
N GLU A 79 -21.86 -2.98 7.90
CA GLU A 79 -23.25 -3.34 7.99
C GLU A 79 -24.09 -2.50 6.96
N GLN A 80 -23.69 -1.25 6.75
CA GLN A 80 -24.43 -0.38 5.85
C GLN A 80 -24.15 -0.81 4.43
N THR A 81 -22.90 -1.14 4.08
CA THR A 81 -22.61 -1.67 2.72
C THR A 81 -23.37 -3.00 2.54
N LYS A 82 -23.43 -3.84 3.59
CA LYS A 82 -24.10 -5.13 3.45
C LYS A 82 -25.60 -4.92 3.16
N ALA A 83 -26.20 -3.89 3.78
CA ALA A 83 -27.64 -3.64 3.54
C ALA A 83 -27.84 -3.31 2.02
N VAL A 84 -26.90 -2.58 1.40
CA VAL A 84 -26.99 -2.29 -0.05
C VAL A 84 -26.85 -3.55 -0.92
N VAL A 85 -25.86 -4.39 -0.59
CA VAL A 85 -25.64 -5.63 -1.34
C VAL A 85 -26.88 -6.51 -1.11
N ASP A 86 -27.38 -6.56 0.13
CA ASP A 86 -28.48 -7.46 0.44
C ASP A 86 -29.73 -7.02 -0.32
N GLY A 87 -29.87 -5.73 -0.68
CA GLY A 87 -31.00 -5.23 -1.46
C GLY A 87 -30.88 -5.61 -2.91
N GLY A 88 -29.80 -6.28 -3.34
CA GLY A 88 -29.75 -6.62 -4.80
C GLY A 88 -28.98 -5.61 -5.64
N ALA A 89 -28.32 -4.67 -4.99
CA ALA A 89 -27.68 -3.56 -5.72
C ALA A 89 -26.61 -3.98 -6.70
N ILE A 90 -25.92 -5.11 -6.46
CA ILE A 90 -24.69 -5.33 -7.25
C ILE A 90 -25.07 -5.55 -8.77
N PRO A 91 -25.99 -6.50 -9.10
CA PRO A 91 -26.20 -6.64 -10.58
C PRO A 91 -26.85 -5.37 -11.15
N ALA A 92 -27.61 -4.64 -10.32
CA ALA A 92 -28.33 -3.44 -10.82
C ALA A 92 -27.29 -2.36 -11.20
N PHE A 93 -26.27 -2.20 -10.39
CA PHE A 93 -25.22 -1.21 -10.74
C PHE A 93 -24.39 -1.67 -11.93
N ILE A 94 -24.10 -2.98 -11.99
CA ILE A 94 -23.32 -3.50 -13.13
C ILE A 94 -24.10 -3.23 -14.42
N SER A 95 -25.42 -3.39 -14.41
CA SER A 95 -26.24 -3.04 -15.65
C SER A 95 -26.19 -1.55 -15.95
N LEU A 96 -26.10 -0.70 -14.93
CA LEU A 96 -25.96 0.74 -15.20
C LEU A 96 -24.59 1.12 -15.77
N LEU A 97 -23.61 0.22 -15.70
CA LEU A 97 -22.36 0.57 -16.29
C LEU A 97 -22.50 0.86 -17.78
N ALA A 98 -23.47 0.23 -18.45
CA ALA A 98 -23.68 0.44 -19.90
C ALA A 98 -24.65 1.60 -20.22
N SER A 99 -25.01 2.37 -19.23
CA SER A 99 -25.87 3.51 -19.46
C SER A 99 -25.26 4.54 -20.43
N PRO A 100 -26.12 5.08 -21.32
CA PRO A 100 -25.60 6.07 -22.27
C PRO A 100 -25.33 7.39 -21.57
N HIS A 101 -25.69 7.51 -20.30
CA HIS A 101 -25.59 8.78 -19.62
C HIS A 101 -24.33 8.69 -18.83
N ALA A 102 -23.32 9.50 -19.19
CA ALA A 102 -22.02 9.33 -18.52
C ALA A 102 -22.15 9.56 -16.97
N HIS A 103 -22.93 10.54 -16.51
CA HIS A 103 -22.98 10.74 -15.08
C HIS A 103 -23.58 9.60 -14.29
N ILE A 104 -24.42 8.78 -14.94
CA ILE A 104 -25.07 7.62 -14.32
C ILE A 104 -24.12 6.42 -14.30
N SER A 105 -23.42 6.13 -15.42
CA SER A 105 -22.50 5.02 -15.36
C SER A 105 -21.36 5.36 -14.38
N GLU A 106 -20.92 6.62 -14.35
CA GLU A 106 -19.87 6.99 -13.38
C GLU A 106 -20.38 6.73 -11.94
N GLN A 107 -21.64 7.08 -11.68
CA GLN A 107 -22.19 6.86 -10.28
C GLN A 107 -22.19 5.34 -9.93
N ALA A 108 -22.46 4.49 -10.93
CA ALA A 108 -22.47 3.06 -10.79
C ALA A 108 -21.03 2.54 -10.55
N VAL A 109 -20.05 3.07 -11.29
CA VAL A 109 -18.61 2.78 -11.02
C VAL A 109 -18.30 3.08 -9.56
N TRP A 110 -18.68 4.27 -9.10
CA TRP A 110 -18.36 4.71 -7.76
C TRP A 110 -18.97 3.79 -6.70
N ALA A 111 -20.25 3.50 -6.84
CA ALA A 111 -20.95 2.63 -5.91
C ALA A 111 -20.28 1.25 -5.83
N LEU A 112 -19.89 0.70 -6.97
CA LEU A 112 -19.23 -0.63 -7.01
C LEU A 112 -17.81 -0.59 -6.35
N GLY A 113 -17.13 0.56 -6.46
CA GLY A 113 -15.88 0.75 -5.79
C GLY A 113 -16.11 0.71 -4.24
N ASN A 114 -17.19 1.35 -3.75
CA ASN A 114 -17.55 1.29 -2.26
C ASN A 114 -17.84 -0.16 -1.82
N ILE A 115 -18.63 -0.90 -2.59
CA ILE A 115 -18.99 -2.26 -2.23
C ILE A 115 -17.72 -3.18 -2.24
N ALA A 116 -16.92 -3.10 -3.32
CA ALA A 116 -15.66 -3.88 -3.42
C ALA A 116 -14.70 -3.52 -2.34
N GLY A 117 -14.72 -2.23 -1.99
CA GLY A 117 -13.85 -1.70 -0.91
C GLY A 117 -14.17 -2.20 0.49
N ASP A 118 -15.33 -2.79 0.68
CA ASP A 118 -15.61 -3.22 2.04
C ASP A 118 -14.71 -4.43 2.39
N GLY A 119 -14.24 -5.25 1.46
CA GLY A 119 -13.49 -6.41 1.95
C GLY A 119 -13.43 -7.43 0.82
N SER A 120 -12.66 -8.47 1.07
CA SER A 120 -12.47 -9.59 0.11
C SER A 120 -13.73 -10.26 -0.42
N ALA A 121 -14.71 -10.56 0.45
CA ALA A 121 -15.89 -11.27 0.06
C ALA A 121 -16.74 -10.44 -0.89
N PHE A 122 -16.94 -9.15 -0.56
CA PHE A 122 -17.76 -8.34 -1.46
C PHE A 122 -16.98 -8.02 -2.74
N ARG A 123 -15.64 -7.82 -2.64
CA ARG A 123 -14.85 -7.56 -3.85
C ARG A 123 -15.07 -8.77 -4.84
N ASP A 124 -14.96 -10.01 -4.31
CA ASP A 124 -15.06 -11.26 -5.10
C ASP A 124 -16.48 -11.46 -5.53
N LEU A 125 -17.46 -10.97 -4.79
CA LEU A 125 -18.86 -11.08 -5.24
C LEU A 125 -19.16 -10.10 -6.37
N VAL A 126 -18.55 -8.94 -6.32
CA VAL A 126 -18.65 -7.93 -7.47
C VAL A 126 -18.07 -8.54 -8.75
N ILE A 127 -16.94 -9.20 -8.59
CA ILE A 127 -16.23 -9.83 -9.65
C ILE A 127 -17.08 -11.00 -10.21
N LYS A 128 -17.69 -11.82 -9.33
CA LYS A 128 -18.50 -12.97 -9.83
C LYS A 128 -19.77 -12.53 -10.59
N HIS A 129 -20.31 -11.36 -10.25
CA HIS A 129 -21.46 -10.75 -10.97
C HIS A 129 -21.05 -10.14 -12.33
N GLY A 130 -19.77 -10.16 -12.65
CA GLY A 130 -19.31 -9.81 -14.01
C GLY A 130 -18.99 -8.32 -14.09
N ALA A 131 -18.52 -7.67 -13.02
CA ALA A 131 -18.24 -6.23 -13.13
C ALA A 131 -17.03 -5.91 -14.02
N ILE A 132 -16.03 -6.80 -14.08
CA ILE A 132 -14.74 -6.39 -14.67
C ILE A 132 -14.85 -6.04 -16.16
N ASP A 133 -15.52 -6.87 -16.94
CA ASP A 133 -15.62 -6.61 -18.41
C ASP A 133 -16.26 -5.25 -18.78
N PRO A 134 -17.47 -4.93 -18.21
CA PRO A 134 -18.03 -3.62 -18.56
C PRO A 134 -17.23 -2.45 -17.93
N LEU A 135 -16.52 -2.69 -16.82
CA LEU A 135 -15.62 -1.61 -16.30
C LEU A 135 -14.47 -1.35 -17.27
N LEU A 136 -13.80 -2.42 -17.71
CA LEU A 136 -12.67 -2.25 -18.58
C LEU A 136 -13.14 -1.68 -19.92
N ALA A 137 -14.35 -2.01 -20.35
CA ALA A 137 -14.89 -1.48 -21.63
C ALA A 137 -15.09 0.03 -21.56
N LEU A 138 -15.26 0.60 -20.38
CA LEU A 138 -15.29 2.09 -20.29
C LEU A 138 -13.96 2.73 -20.55
N LEU A 139 -12.87 1.97 -20.45
CA LEU A 139 -11.56 2.54 -20.72
C LEU A 139 -11.01 2.07 -22.04
N ALA A 140 -11.84 1.49 -22.90
CA ALA A 140 -11.31 0.92 -24.15
C ALA A 140 -11.40 2.01 -25.21
N VAL A 141 -10.61 3.08 -24.98
CA VAL A 141 -10.42 4.16 -25.91
C VAL A 141 -8.93 4.22 -26.37
N PRO A 142 -8.66 4.78 -27.55
CA PRO A 142 -7.26 4.83 -28.03
C PRO A 142 -6.40 5.73 -27.12
N ASP A 143 -6.98 6.78 -26.57
CA ASP A 143 -6.22 7.69 -25.73
C ASP A 143 -7.02 8.10 -24.49
N LEU A 144 -6.51 7.74 -23.32
CA LEU A 144 -7.22 7.93 -22.07
C LEU A 144 -7.55 9.41 -21.97
N SER A 145 -6.79 10.29 -22.66
CA SER A 145 -6.96 11.74 -22.43
C SER A 145 -8.30 12.24 -22.92
N THR A 146 -9.00 11.46 -23.77
CA THR A 146 -10.23 11.96 -24.29
C THR A 146 -11.34 11.73 -23.23
N LEU A 147 -11.09 10.99 -22.17
CA LEU A 147 -12.12 10.78 -21.14
C LEU A 147 -12.16 11.93 -20.13
N ALA A 148 -13.31 12.21 -19.54
CA ALA A 148 -13.37 13.27 -18.55
C ALA A 148 -12.53 12.86 -17.35
N CYS A 149 -11.81 13.83 -16.83
CA CYS A 149 -10.86 13.63 -15.80
C CYS A 149 -11.52 12.97 -14.54
N GLY A 150 -12.62 13.55 -14.05
CA GLY A 150 -13.30 13.02 -12.82
C GLY A 150 -13.74 11.56 -13.07
N TYR A 151 -14.27 11.33 -14.26
CA TYR A 151 -14.77 10.02 -14.69
C TYR A 151 -13.59 9.00 -14.67
N LEU A 152 -12.48 9.34 -15.32
CA LEU A 152 -11.27 8.51 -15.28
C LEU A 152 -10.72 8.29 -13.89
N ARG A 153 -10.67 9.32 -13.07
CA ARG A 153 -10.22 9.05 -11.68
C ARG A 153 -11.12 8.07 -10.91
N ASN A 154 -12.45 8.18 -11.08
CA ASN A 154 -13.39 7.22 -10.41
C ASN A 154 -13.21 5.81 -10.85
N LEU A 155 -13.08 5.58 -12.18
CA LEU A 155 -12.77 4.27 -12.70
C LEU A 155 -11.48 3.70 -12.12
N THR A 156 -10.42 4.51 -12.16
CA THR A 156 -9.13 4.03 -11.65
C THR A 156 -9.31 3.63 -10.19
N TRP A 157 -10.03 4.44 -9.42
CA TRP A 157 -10.14 4.15 -7.99
C TRP A 157 -10.95 2.87 -7.76
N THR A 158 -12.05 2.68 -8.51
CA THR A 158 -12.80 1.43 -8.35
C THR A 158 -11.97 0.20 -8.79
N LEU A 159 -11.25 0.30 -9.93
CA LEU A 159 -10.36 -0.77 -10.25
C LEU A 159 -9.31 -1.05 -9.20
N SER A 160 -8.77 -0.03 -8.53
CA SER A 160 -7.77 -0.31 -7.51
C SER A 160 -8.40 -1.08 -6.36
N ASN A 161 -9.68 -0.80 -6.03
CA ASN A 161 -10.38 -1.58 -4.95
C ASN A 161 -10.58 -3.04 -5.37
N LEU A 162 -10.85 -3.28 -6.67
CA LEU A 162 -10.86 -4.68 -7.13
C LEU A 162 -9.49 -5.44 -7.01
N CYS A 163 -8.34 -4.72 -6.97
CA CYS A 163 -6.99 -5.27 -6.65
C CYS A 163 -6.67 -5.37 -5.17
N ARG A 164 -7.50 -4.73 -4.31
CA ARG A 164 -7.17 -4.57 -2.92
C ARG A 164 -7.61 -5.76 -2.05
N ASN A 165 -6.98 -5.88 -0.85
CA ASN A 165 -7.36 -6.83 0.17
C ASN A 165 -6.76 -8.23 0.00
N LYS A 166 -6.74 -8.96 1.09
CA LYS A 166 -5.81 -10.00 1.07
C LYS A 166 -6.21 -11.30 1.58
N ASN A 167 -7.31 -11.49 2.26
CA ASN A 167 -7.27 -12.93 2.69
C ASN A 167 -8.59 -13.51 2.27
N PRO A 168 -8.76 -13.86 1.01
CA PRO A 168 -7.71 -14.11 0.01
C PRO A 168 -7.38 -12.88 -0.85
N ALA A 169 -6.31 -12.96 -1.61
CA ALA A 169 -6.02 -11.96 -2.63
C ALA A 169 -7.07 -12.12 -3.74
N PRO A 170 -7.19 -11.12 -4.66
CA PRO A 170 -8.16 -11.25 -5.76
C PRO A 170 -7.84 -12.47 -6.62
N PRO A 171 -8.88 -12.98 -7.32
CA PRO A 171 -8.64 -14.16 -8.14
C PRO A 171 -7.55 -13.88 -9.16
N LEU A 172 -6.69 -14.88 -9.33
CA LEU A 172 -5.62 -14.80 -10.33
C LEU A 172 -6.17 -14.38 -11.67
N ASP A 173 -7.29 -14.93 -12.17
CA ASP A 173 -7.69 -14.51 -13.54
C ASP A 173 -8.25 -13.12 -13.58
N ALA A 174 -8.85 -12.68 -12.49
CA ALA A 174 -9.32 -11.28 -12.51
C ALA A 174 -8.11 -10.33 -12.53
N VAL A 175 -7.06 -10.66 -11.76
CA VAL A 175 -5.82 -9.85 -11.81
C VAL A 175 -5.23 -9.83 -13.26
N GLU A 176 -5.18 -10.98 -13.95
CA GLU A 176 -4.67 -10.97 -15.29
C GLU A 176 -5.51 -10.14 -16.20
N GLN A 177 -6.83 -10.15 -16.00
CA GLN A 177 -7.70 -9.42 -16.93
C GLN A 177 -7.56 -7.94 -16.68
N ILE A 178 -7.28 -7.53 -15.44
CA ILE A 178 -7.26 -6.09 -15.12
C ILE A 178 -5.86 -5.44 -15.47
N LEU A 179 -4.81 -6.23 -15.33
CA LEU A 179 -3.46 -5.72 -15.43
C LEU A 179 -3.11 -4.87 -16.66
N PRO A 180 -3.48 -5.31 -17.90
CA PRO A 180 -3.07 -4.45 -19.01
C PRO A 180 -3.65 -3.02 -18.95
N THR A 181 -4.85 -2.84 -18.38
CA THR A 181 -5.53 -1.54 -18.37
C THR A 181 -4.84 -0.79 -17.26
N LEU A 182 -4.58 -1.48 -16.16
CA LEU A 182 -3.78 -0.88 -15.10
C LEU A 182 -2.39 -0.43 -15.58
N VAL A 183 -1.68 -1.23 -16.37
CA VAL A 183 -0.35 -0.74 -16.88
C VAL A 183 -0.53 0.59 -17.70
N ARG A 184 -1.59 0.66 -18.47
CA ARG A 184 -1.89 1.83 -19.22
C ARG A 184 -2.22 3.07 -18.36
N LEU A 185 -2.96 2.89 -17.25
CA LEU A 185 -3.34 4.00 -16.32
C LEU A 185 -2.07 4.47 -15.58
N LEU A 186 -1.14 3.56 -15.35
CA LEU A 186 0.13 3.89 -14.77
C LEU A 186 1.05 4.77 -15.63
N HIS A 187 0.76 4.92 -16.94
CA HIS A 187 1.45 5.83 -17.80
C HIS A 187 0.66 7.07 -18.07
N HIS A 188 -0.47 7.23 -17.40
CA HIS A 188 -1.35 8.35 -17.73
C HIS A 188 -0.82 9.62 -17.06
N ASN A 189 -1.10 10.81 -17.56
CA ASN A 189 -0.47 11.97 -16.88
C ASN A 189 -1.36 12.74 -15.88
N ASP A 190 -2.27 12.10 -15.17
CA ASP A 190 -3.05 12.81 -14.13
C ASP A 190 -2.53 12.30 -12.79
N PRO A 191 -2.23 13.19 -11.85
CA PRO A 191 -1.59 12.75 -10.62
C PRO A 191 -2.50 11.82 -9.76
N GLU A 192 -3.81 11.98 -9.86
CA GLU A 192 -4.65 11.10 -9.03
C GLU A 192 -4.78 9.75 -9.69
N VAL A 193 -4.91 9.70 -11.02
CA VAL A 193 -4.86 8.40 -11.70
C VAL A 193 -3.56 7.66 -11.37
N LEU A 194 -2.45 8.36 -11.47
CA LEU A 194 -1.15 7.76 -11.19
C LEU A 194 -1.05 7.20 -9.76
N ALA A 195 -1.49 7.99 -8.79
CA ALA A 195 -1.41 7.59 -7.39
C ALA A 195 -2.22 6.29 -7.20
N ASP A 196 -3.47 6.27 -7.69
CA ASP A 196 -4.31 5.13 -7.43
C ASP A 196 -3.89 3.93 -8.24
N SER A 197 -3.43 4.10 -9.48
CA SER A 197 -2.81 2.99 -10.24
C SER A 197 -1.63 2.41 -9.46
N CYS A 198 -0.77 3.28 -8.91
CA CYS A 198 0.33 2.78 -8.13
C CYS A 198 -0.15 2.04 -6.89
N TRP A 199 -1.17 2.56 -6.18
CA TRP A 199 -1.74 1.81 -5.06
C TRP A 199 -2.17 0.43 -5.50
N ALA A 200 -2.86 0.35 -6.63
CA ALA A 200 -3.33 -0.97 -7.11
C ALA A 200 -2.14 -1.93 -7.32
N ILE A 201 -1.07 -1.47 -7.91
CA ILE A 201 0.07 -2.29 -8.19
C ILE A 201 0.74 -2.67 -6.86
N SER A 202 0.77 -1.74 -5.89
CA SER A 202 1.24 -2.11 -4.55
C SER A 202 0.37 -3.21 -3.93
N TYR A 203 -0.94 -3.19 -4.13
CA TYR A 203 -1.72 -4.29 -3.53
C TYR A 203 -1.38 -5.62 -4.22
N LEU A 204 -1.20 -5.59 -5.54
CA LEU A 204 -1.02 -6.83 -6.32
C LEU A 204 0.39 -7.41 -6.07
N THR A 205 1.36 -6.60 -5.63
CA THR A 205 2.73 -7.13 -5.40
C THR A 205 2.89 -7.48 -3.91
N ASP A 206 1.83 -7.26 -3.11
CA ASP A 206 1.87 -7.53 -1.68
C ASP A 206 1.40 -8.99 -1.54
N GLY A 207 2.29 -9.96 -1.78
CA GLY A 207 1.87 -11.39 -1.65
C GLY A 207 2.97 -12.33 -2.15
N PRO A 208 2.64 -13.62 -2.38
CA PRO A 208 3.70 -14.57 -2.78
C PRO A 208 4.38 -14.16 -4.10
N ASN A 209 5.60 -14.67 -4.32
CA ASN A 209 6.43 -14.35 -5.50
C ASN A 209 5.73 -14.56 -6.84
N GLU A 210 4.83 -15.53 -6.90
CA GLU A 210 4.02 -15.73 -8.13
C GLU A 210 3.18 -14.47 -8.44
N ARG A 211 2.64 -13.83 -7.43
CA ARG A 211 1.90 -12.59 -7.67
C ARG A 211 2.82 -11.44 -8.13
N ILE A 212 3.98 -11.28 -7.49
CA ILE A 212 4.97 -10.27 -7.90
C ILE A 212 5.32 -10.47 -9.36
N GLU A 213 5.51 -11.76 -9.77
CA GLU A 213 5.95 -12.06 -11.10
C GLU A 213 4.97 -11.64 -12.17
N MET A 214 3.69 -11.82 -11.93
CA MET A 214 2.67 -11.45 -12.90
C MET A 214 2.73 -9.96 -13.17
N VAL A 215 3.05 -9.19 -12.17
CA VAL A 215 3.21 -7.73 -12.32
C VAL A 215 4.56 -7.33 -13.00
N VAL A 216 5.65 -7.81 -12.46
CA VAL A 216 6.92 -7.59 -13.12
C VAL A 216 6.98 -8.04 -14.59
N LYS A 217 6.45 -9.23 -14.86
CA LYS A 217 6.33 -9.65 -16.31
C LYS A 217 5.72 -8.56 -17.18
N LYS A 218 4.81 -7.73 -16.66
CA LYS A 218 4.22 -6.69 -17.52
C LYS A 218 5.15 -5.47 -17.79
N GLY A 219 6.42 -5.54 -17.36
CA GLY A 219 7.42 -4.47 -17.60
C GLY A 219 7.11 -3.15 -16.90
N VAL A 220 6.26 -3.13 -15.86
CA VAL A 220 5.97 -1.87 -15.10
C VAL A 220 7.15 -1.36 -14.20
N VAL A 221 8.19 -2.15 -13.94
CA VAL A 221 9.19 -1.71 -12.92
C VAL A 221 9.88 -0.35 -13.28
N PRO A 222 10.30 -0.14 -14.54
CA PRO A 222 10.82 1.17 -14.93
C PRO A 222 9.88 2.35 -14.75
N GLN A 223 8.59 2.17 -15.02
CA GLN A 223 7.64 3.22 -14.74
C GLN A 223 7.51 3.43 -13.23
N LEU A 224 7.60 2.33 -12.47
CA LEU A 224 7.51 2.53 -11.01
C LEU A 224 8.71 3.34 -10.41
N VAL A 225 9.93 3.04 -10.89
CA VAL A 225 11.10 3.78 -10.55
C VAL A 225 10.97 5.24 -10.98
N LYS A 226 10.47 5.51 -12.17
CA LYS A 226 10.21 6.89 -12.53
C LYS A 226 9.22 7.61 -11.53
N LEU A 227 8.14 6.92 -11.13
CA LEU A 227 7.16 7.52 -10.23
C LEU A 227 7.77 7.69 -8.88
N LEU A 228 8.69 6.80 -8.52
CA LEU A 228 9.45 6.96 -7.25
C LEU A 228 10.10 8.29 -7.13
N GLY A 229 10.38 8.91 -8.29
CA GLY A 229 10.99 10.19 -8.26
C GLY A 229 10.02 11.34 -8.35
N ALA A 230 8.70 11.12 -8.37
CA ALA A 230 7.74 12.23 -8.57
C ALA A 230 7.77 13.25 -7.42
N THR A 231 7.35 14.47 -7.67
CA THR A 231 7.34 15.43 -6.60
C THR A 231 6.10 15.20 -5.69
N GLU A 232 5.02 14.56 -6.16
CA GLU A 232 3.80 14.37 -5.36
C GLU A 232 3.95 13.22 -4.39
N LEU A 233 3.83 13.53 -3.11
CA LEU A 233 3.89 12.54 -2.07
C LEU A 233 2.89 11.37 -2.29
N PRO A 234 1.63 11.70 -2.72
CA PRO A 234 0.60 10.70 -2.89
C PRO A 234 1.01 9.70 -4.00
N ILE A 235 1.93 10.09 -4.88
CA ILE A 235 2.48 9.17 -5.93
C ILE A 235 3.76 8.39 -5.41
N VAL A 236 4.71 9.09 -4.78
CA VAL A 236 5.91 8.48 -4.25
C VAL A 236 5.49 7.39 -3.26
N THR A 237 4.51 7.65 -2.41
CA THR A 237 4.24 6.68 -1.29
C THR A 237 3.85 5.30 -1.89
N PRO A 238 2.81 5.21 -2.77
CA PRO A 238 2.52 3.87 -3.29
C PRO A 238 3.58 3.36 -4.23
N ALA A 239 4.25 4.26 -5.02
CA ALA A 239 5.29 3.73 -5.92
C ALA A 239 6.39 3.02 -5.07
N LEU A 240 6.73 3.61 -3.95
CA LEU A 240 7.81 3.04 -3.08
C LEU A 240 7.27 1.73 -2.39
N ARG A 241 6.00 1.75 -1.98
CA ARG A 241 5.43 0.54 -1.36
C ARG A 241 5.51 -0.63 -2.42
N ALA A 242 5.17 -0.35 -3.70
CA ALA A 242 5.21 -1.36 -4.71
C ALA A 242 6.65 -1.82 -4.92
N ILE A 243 7.61 -0.87 -5.03
CA ILE A 243 9.01 -1.25 -5.21
C ILE A 243 9.46 -2.09 -4.01
N GLY A 244 9.15 -1.64 -2.78
CA GLY A 244 9.51 -2.38 -1.60
C GLY A 244 8.91 -3.79 -1.66
N ASN A 245 7.68 -3.92 -2.16
CA ASN A 245 7.12 -5.24 -2.18
C ASN A 245 7.85 -6.06 -3.18
N ILE A 246 8.16 -5.52 -4.38
CA ILE A 246 8.80 -6.34 -5.41
C ILE A 246 10.15 -6.89 -4.89
N VAL A 247 10.88 -6.08 -4.08
CA VAL A 247 12.20 -6.56 -3.64
C VAL A 247 12.05 -7.53 -2.45
N THR A 248 10.84 -7.84 -1.99
CA THR A 248 10.66 -8.98 -1.05
C THR A 248 10.66 -10.33 -1.87
N GLY A 249 10.68 -10.25 -3.20
CA GLY A 249 10.54 -11.45 -4.10
C GLY A 249 11.86 -12.17 -4.28
N THR A 250 12.11 -12.66 -5.47
CA THR A 250 13.31 -13.45 -5.72
C THR A 250 14.44 -12.49 -6.07
N ASP A 251 15.64 -13.06 -6.21
CA ASP A 251 16.80 -12.27 -6.49
C ASP A 251 16.69 -11.69 -7.83
N GLU A 252 16.03 -12.42 -8.75
CA GLU A 252 15.88 -11.98 -10.11
C GLU A 252 14.88 -10.80 -10.13
N GLN A 253 13.80 -10.88 -9.34
CA GLN A 253 12.81 -9.76 -9.27
C GLN A 253 13.46 -8.52 -8.63
N THR A 254 14.21 -8.72 -7.54
CA THR A 254 15.03 -7.64 -6.95
C THR A 254 15.97 -6.99 -8.01
N GLN A 255 16.55 -7.83 -8.86
CA GLN A 255 17.53 -7.33 -9.79
C GLN A 255 16.89 -6.42 -10.83
N LYS A 256 15.61 -6.66 -11.18
CA LYS A 256 14.89 -5.80 -12.16
C LYS A 256 14.73 -4.42 -11.60
N VAL A 257 14.50 -4.33 -10.29
CA VAL A 257 14.46 -2.99 -9.71
C VAL A 257 15.80 -2.23 -9.70
N ILE A 258 16.87 -2.97 -9.46
CA ILE A 258 18.18 -2.34 -9.45
C ILE A 258 18.53 -1.94 -10.88
N ASP A 259 18.28 -2.80 -11.86
CA ASP A 259 18.63 -2.50 -13.25
C ASP A 259 17.78 -1.35 -13.74
N ALA A 260 16.56 -1.17 -13.19
CA ALA A 260 15.72 -0.07 -13.63
C ALA A 260 16.21 1.26 -13.10
N GLY A 261 17.19 1.27 -12.20
CA GLY A 261 17.79 2.59 -11.76
C GLY A 261 17.30 3.00 -10.36
N ALA A 262 16.63 2.10 -9.63
CA ALA A 262 15.95 2.53 -8.40
C ALA A 262 16.92 3.04 -7.37
N LEU A 263 18.09 2.39 -7.21
CA LEU A 263 19.04 2.82 -6.15
C LEU A 263 19.48 4.32 -6.20
N ALA A 264 19.52 4.93 -7.36
CA ALA A 264 19.91 6.35 -7.47
C ALA A 264 18.90 7.27 -6.79
N VAL A 265 17.70 6.81 -6.41
CA VAL A 265 16.68 7.68 -5.79
C VAL A 265 16.82 7.57 -4.28
N PHE A 266 17.53 6.56 -3.78
CA PHE A 266 17.56 6.35 -2.35
C PHE A 266 18.31 7.40 -1.54
N PRO A 267 19.32 8.08 -2.10
CA PRO A 267 19.84 9.21 -1.25
C PRO A 267 18.75 10.18 -0.82
N SER A 268 17.82 10.53 -1.73
CA SER A 268 16.68 11.40 -1.33
C SER A 268 15.67 10.70 -0.43
N LEU A 269 15.31 9.47 -0.82
CA LEU A 269 14.28 8.73 -0.04
C LEU A 269 14.74 8.51 1.42
N LEU A 270 16.02 8.17 1.58
CA LEU A 270 16.57 7.87 2.90
C LEU A 270 16.76 9.13 3.73
N THR A 271 16.59 10.31 3.11
CA THR A 271 16.66 11.57 3.87
C THR A 271 15.32 12.35 3.74
N ASN A 272 14.24 11.67 3.33
CA ASN A 272 13.00 12.38 2.96
C ASN A 272 12.40 12.96 4.23
N PRO A 273 11.85 14.17 4.15
CA PRO A 273 11.31 14.80 5.36
C PRO A 273 10.05 14.09 5.82
N LYS A 274 9.43 13.24 5.00
CA LYS A 274 8.21 12.56 5.46
C LYS A 274 8.67 11.27 6.13
N THR A 275 8.41 11.13 7.41
CA THR A 275 9.00 10.01 8.10
C THR A 275 8.59 8.59 7.62
N ASN A 276 7.33 8.44 7.23
CA ASN A 276 6.90 7.21 6.57
C ASN A 276 7.70 6.85 5.28
N ILE A 277 8.04 7.84 4.44
CA ILE A 277 8.90 7.58 3.29
C ILE A 277 10.30 7.08 3.74
N GLN A 278 10.90 7.75 4.77
CA GLN A 278 12.21 7.22 5.23
C GLN A 278 12.11 5.81 5.72
N LYS A 279 11.02 5.52 6.48
CA LYS A 279 10.85 4.19 7.06
C LYS A 279 10.72 3.10 5.94
N GLU A 280 9.79 3.35 5.01
CA GLU A 280 9.58 2.41 3.88
C GLU A 280 10.82 2.31 2.94
N ALA A 281 11.56 3.41 2.75
CA ALA A 281 12.80 3.32 1.97
C ALA A 281 13.86 2.46 2.73
N THR A 282 13.91 2.57 4.06
CA THR A 282 14.94 1.84 4.77
C THR A 282 14.53 0.34 4.80
N TRP A 283 13.21 0.08 4.91
CA TRP A 283 12.72 -1.29 4.87
C TRP A 283 13.08 -1.90 3.53
N THR A 284 12.84 -1.17 2.45
CA THR A 284 13.18 -1.62 1.08
C THR A 284 14.71 -1.93 1.03
N MET A 285 15.52 -1.01 1.51
CA MET A 285 16.98 -1.21 1.55
C MET A 285 17.35 -2.48 2.32
N SER A 286 16.68 -2.76 3.46
CA SER A 286 16.94 -3.99 4.21
C SER A 286 16.69 -5.24 3.38
N ASN A 287 15.66 -5.19 2.53
CA ASN A 287 15.41 -6.38 1.71
C ASN A 287 16.38 -6.52 0.53
N ILE A 288 16.90 -5.40 0.03
CA ILE A 288 17.95 -5.42 -0.98
C ILE A 288 19.26 -5.94 -0.34
N THR A 289 19.59 -5.54 0.88
CA THR A 289 20.82 -6.04 1.47
C THR A 289 20.68 -7.50 1.93
N ALA A 290 19.45 -8.03 1.92
CA ALA A 290 19.25 -9.46 2.11
C ALA A 290 19.54 -10.15 0.76
N GLY A 291 19.95 -9.43 -0.28
CA GLY A 291 20.20 -10.04 -1.61
C GLY A 291 21.52 -10.77 -1.77
N ARG A 292 21.86 -11.05 -3.03
CA ARG A 292 23.14 -11.62 -3.39
C ARG A 292 24.31 -10.59 -3.11
N GLN A 293 25.51 -11.12 -3.00
CA GLN A 293 26.68 -10.27 -2.92
C GLN A 293 26.81 -9.21 -4.04
N ASP A 294 26.53 -9.56 -5.29
CA ASP A 294 26.62 -8.55 -6.37
C ASP A 294 25.56 -7.43 -6.17
N GLN A 295 24.52 -7.75 -5.39
CA GLN A 295 23.43 -6.73 -5.25
C GLN A 295 23.83 -5.77 -4.10
N ILE A 296 24.29 -6.37 -3.02
CA ILE A 296 25.00 -5.67 -1.97
C ILE A 296 26.11 -4.75 -2.56
N GLN A 297 26.85 -5.23 -3.58
CA GLN A 297 27.88 -4.37 -4.22
C GLN A 297 27.25 -3.15 -4.89
N GLN A 298 26.07 -3.33 -5.48
CA GLN A 298 25.42 -2.16 -6.07
C GLN A 298 24.99 -1.10 -5.05
N VAL A 299 24.61 -1.54 -3.85
CA VAL A 299 24.28 -0.69 -2.76
C VAL A 299 25.54 0.10 -2.37
N VAL A 300 26.66 -0.61 -2.19
CA VAL A 300 27.96 0.05 -2.03
C VAL A 300 28.22 1.08 -3.11
N ASN A 301 28.15 0.66 -4.37
CA ASN A 301 28.58 1.59 -5.44
C ASN A 301 27.74 2.84 -5.57
N HIS A 302 26.46 2.72 -5.21
CA HIS A 302 25.53 3.82 -5.31
C HIS A 302 25.69 4.78 -4.10
N GLY A 303 26.67 4.49 -3.24
CA GLY A 303 26.99 5.31 -2.08
C GLY A 303 25.95 5.24 -1.00
N LEU A 304 25.28 4.09 -0.85
CA LEU A 304 24.13 4.06 0.05
C LEU A 304 24.48 3.67 1.45
N VAL A 305 25.66 3.05 1.63
CA VAL A 305 26.11 2.73 2.98
C VAL A 305 26.17 3.97 3.92
N PRO A 306 26.84 5.06 3.49
CA PRO A 306 26.82 6.26 4.39
C PRO A 306 25.34 6.70 4.72
N PHE A 307 24.39 6.49 3.80
CA PHE A 307 22.96 6.84 4.03
C PHE A 307 22.36 5.92 5.06
N LEU A 308 22.78 4.63 5.04
CA LEU A 308 22.36 3.73 6.15
C LEU A 308 22.97 4.09 7.49
N VAL A 309 24.24 4.49 7.46
CA VAL A 309 24.86 4.97 8.71
C VAL A 309 24.06 6.20 9.25
N GLY A 310 23.70 7.12 8.35
CA GLY A 310 22.85 8.28 8.65
C GLY A 310 21.54 7.92 9.35
N VAL A 311 20.72 7.05 8.76
CA VAL A 311 19.45 6.72 9.40
C VAL A 311 19.68 5.92 10.68
N LEU A 312 20.68 5.04 10.72
CA LEU A 312 21.00 4.43 12.00
C LEU A 312 21.30 5.48 13.10
N SER A 313 21.99 6.55 12.70
CA SER A 313 22.44 7.53 13.73
C SER A 313 21.28 8.43 14.22
N LYS A 314 20.34 8.74 13.36
CA LYS A 314 19.30 9.65 13.70
C LYS A 314 18.14 9.48 12.71
N ALA A 315 17.00 9.07 13.22
CA ALA A 315 15.80 8.84 12.44
C ALA A 315 14.74 8.56 13.50
N ASP A 316 13.49 8.55 13.09
CA ASP A 316 12.44 7.98 13.93
C ASP A 316 12.85 6.54 14.36
N PHE A 317 12.47 6.13 15.56
CA PHE A 317 12.89 4.83 16.03
C PHE A 317 12.45 3.65 15.11
N LYS A 318 11.22 3.71 14.63
CA LYS A 318 10.80 2.71 13.63
C LYS A 318 11.74 2.65 12.39
N THR A 319 12.25 3.78 11.88
CA THR A 319 13.21 3.73 10.78
C THR A 319 14.54 3.11 11.24
N GLN A 320 14.98 3.45 12.45
CA GLN A 320 16.23 2.99 12.99
C GLN A 320 16.25 1.47 13.13
N LYS A 321 15.08 0.92 13.48
CA LYS A 321 14.91 -0.53 13.55
C LYS A 321 15.04 -1.14 12.15
N GLU A 322 14.48 -0.50 11.13
CA GLU A 322 14.70 -0.96 9.76
C GLU A 322 16.16 -0.84 9.36
N ALA A 323 16.84 0.24 9.80
CA ALA A 323 18.26 0.45 9.43
C ALA A 323 19.09 -0.74 10.06
N ALA A 324 18.72 -1.15 11.27
CA ALA A 324 19.45 -2.20 11.99
C ALA A 324 19.27 -3.52 11.23
N TRP A 325 18.05 -3.77 10.72
CA TRP A 325 17.78 -4.94 9.88
C TRP A 325 18.58 -4.87 8.61
N ALA A 326 18.60 -3.71 7.97
CA ALA A 326 19.36 -3.59 6.76
C ALA A 326 20.84 -3.97 7.01
N ILE A 327 21.35 -3.55 8.19
CA ILE A 327 22.77 -3.80 8.55
C ILE A 327 22.96 -5.30 8.83
N THR A 328 22.11 -5.86 9.65
CA THR A 328 22.39 -7.28 9.91
C THR A 328 22.16 -8.19 8.68
N ASN A 329 21.26 -7.83 7.77
CA ASN A 329 21.15 -8.55 6.50
C ASN A 329 22.43 -8.39 5.63
N TYR A 330 22.94 -7.15 5.56
CA TYR A 330 24.20 -6.85 4.87
C TYR A 330 25.34 -7.72 5.45
N THR A 331 25.45 -7.78 6.78
CA THR A 331 26.58 -8.42 7.37
C THR A 331 26.42 -9.93 7.34
N SER A 332 25.20 -10.45 7.19
CA SER A 332 25.10 -11.89 7.09
C SER A 332 25.40 -12.35 5.65
N GLY A 333 25.12 -11.54 4.65
CA GLY A 333 25.35 -12.07 3.30
C GLY A 333 26.54 -11.47 2.57
N GLY A 334 27.17 -10.44 3.16
CA GLY A 334 28.22 -9.67 2.38
C GLY A 334 29.58 -10.37 2.44
N THR A 335 30.48 -10.07 1.47
CA THR A 335 31.89 -10.50 1.51
C THR A 335 32.62 -9.82 2.67
N VAL A 336 33.71 -10.44 3.18
CA VAL A 336 34.59 -9.77 4.16
C VAL A 336 34.91 -8.29 3.77
N GLU A 337 35.23 -8.05 2.50
CA GLU A 337 35.57 -6.73 2.05
C GLU A 337 34.37 -5.72 2.14
N GLN A 338 33.17 -6.18 1.80
CA GLN A 338 31.96 -5.36 1.97
C GLN A 338 31.73 -5.09 3.46
N ILE A 339 31.99 -6.10 4.32
CA ILE A 339 31.81 -5.87 5.78
C ILE A 339 32.82 -4.86 6.39
N VAL A 340 34.10 -4.96 6.03
CA VAL A 340 35.19 -4.00 6.46
C VAL A 340 34.79 -2.56 6.08
N TYR A 341 34.35 -2.42 4.83
CA TYR A 341 33.86 -1.17 4.25
C TYR A 341 32.79 -0.49 5.11
N LEU A 342 31.84 -1.30 5.54
CA LEU A 342 30.74 -0.87 6.40
C LEU A 342 31.28 -0.27 7.68
N VAL A 343 32.25 -0.94 8.27
CA VAL A 343 32.88 -0.42 9.48
C VAL A 343 33.65 0.89 9.18
N HIS A 344 34.42 0.93 8.12
CA HIS A 344 35.11 2.16 7.70
C HIS A 344 34.12 3.34 7.47
N CYS A 345 32.88 3.07 7.06
CA CYS A 345 31.86 4.12 6.95
C CYS A 345 31.30 4.61 8.25
N GLY A 346 31.61 3.93 9.36
CA GLY A 346 31.23 4.45 10.66
C GLY A 346 29.99 3.79 11.29
N ILE A 347 29.71 2.54 10.93
CA ILE A 347 28.53 1.82 11.44
C ILE A 347 28.55 1.51 12.91
N ILE A 348 29.77 1.35 13.45
CA ILE A 348 29.88 0.74 14.77
C ILE A 348 29.29 1.61 15.85
N GLU A 349 29.63 2.90 15.88
CA GLU A 349 29.11 3.72 16.96
C GLU A 349 27.56 3.87 16.97
N PRO A 350 26.91 4.20 15.81
CA PRO A 350 25.42 4.31 15.90
C PRO A 350 24.76 2.95 16.27
N LEU A 351 25.35 1.86 15.83
CA LEU A 351 24.92 0.51 16.18
C LEU A 351 24.91 0.34 17.71
N MET A 352 26.02 0.69 18.37
CA MET A 352 26.16 0.63 19.84
C MET A 352 25.23 1.57 20.60
N ASN A 353 25.00 2.80 20.09
CA ASN A 353 24.05 3.67 20.76
C ASN A 353 22.66 3.07 20.76
N LEU A 354 22.31 2.29 19.73
CA LEU A 354 20.99 1.68 19.68
C LEU A 354 20.85 0.46 20.60
N LEU A 355 21.94 0.12 21.28
CA LEU A 355 21.84 -0.92 22.27
C LEU A 355 21.22 -0.41 23.54
N SER A 356 20.85 0.86 23.54
CA SER A 356 20.22 1.45 24.73
C SER A 356 18.72 1.47 24.61
N ALA A 357 18.18 1.05 23.46
CA ALA A 357 16.74 1.19 23.28
C ALA A 357 16.03 0.07 24.03
N LYS A 358 14.89 0.43 24.60
CA LYS A 358 14.10 -0.56 25.30
C LYS A 358 13.21 -1.14 24.23
N ASP A 359 13.80 -2.02 23.44
CA ASP A 359 13.11 -2.74 22.39
C ASP A 359 13.88 -4.02 22.27
N THR A 360 13.25 -5.10 22.65
CA THR A 360 14.02 -6.31 22.74
C THR A 360 14.46 -6.82 21.38
N LYS A 361 13.56 -6.73 20.39
CA LYS A 361 13.84 -7.10 18.99
C LYS A 361 15.10 -6.39 18.37
N ILE A 362 15.19 -5.07 18.50
CA ILE A 362 16.31 -4.36 17.89
C ILE A 362 17.64 -4.84 18.51
N ILE A 363 17.63 -5.12 19.81
CA ILE A 363 18.83 -5.57 20.54
C ILE A 363 19.38 -6.86 19.92
N GLN A 364 18.52 -7.84 19.65
CA GLN A 364 19.01 -9.11 19.06
C GLN A 364 19.57 -8.93 17.68
N VAL A 365 18.86 -8.11 16.89
CA VAL A 365 19.28 -7.77 15.53
C VAL A 365 20.70 -7.15 15.55
N ILE A 366 20.93 -6.19 16.46
CA ILE A 366 22.22 -5.51 16.52
C ILE A 366 23.33 -6.48 16.97
N LEU A 367 23.04 -7.23 18.01
CA LEU A 367 23.95 -8.28 18.48
C LEU A 367 24.22 -9.34 17.39
N ASP A 368 23.22 -9.76 16.63
CA ASP A 368 23.56 -10.58 15.50
C ASP A 368 24.54 -9.88 14.54
N ALA A 369 24.34 -8.59 14.30
CA ALA A 369 25.22 -7.86 13.37
C ALA A 369 26.67 -7.82 13.88
N ILE A 370 26.82 -7.46 15.15
CA ILE A 370 28.12 -7.39 15.79
C ILE A 370 28.80 -8.75 15.56
N SER A 371 28.13 -9.83 15.99
CA SER A 371 28.65 -11.20 15.80
C SER A 371 29.13 -11.38 14.34
N ASN A 372 28.30 -11.01 13.38
CA ASN A 372 28.68 -11.13 11.99
C ASN A 372 29.93 -10.34 11.66
N ILE A 373 30.11 -9.22 12.34
CA ILE A 373 31.14 -8.27 11.96
C ILE A 373 32.43 -8.83 12.61
N PHE A 374 32.32 -9.31 13.84
CA PHE A 374 33.47 -10.01 14.49
C PHE A 374 33.93 -11.17 13.67
N GLN A 375 32.98 -12.00 13.31
CA GLN A 375 33.23 -13.00 12.29
C GLN A 375 34.14 -12.60 11.11
N ALA A 376 33.84 -11.49 10.42
CA ALA A 376 34.71 -11.02 9.32
C ALA A 376 36.10 -10.65 9.83
N ALA A 377 36.15 -10.14 11.07
CA ALA A 377 37.35 -9.57 11.63
C ALA A 377 38.33 -10.73 11.95
N GLU A 378 37.88 -11.72 12.72
CA GLU A 378 38.55 -13.03 12.85
C GLU A 378 39.13 -13.56 11.53
N LYS A 379 38.30 -13.65 10.48
CA LYS A 379 38.80 -13.98 9.13
C LYS A 379 39.99 -13.11 8.66
N LEU A 380 40.23 -11.97 9.28
CA LEU A 380 41.29 -11.07 8.83
C LEU A 380 42.38 -10.85 9.88
N GLY A 381 42.13 -11.32 11.09
CA GLY A 381 43.04 -11.17 12.23
C GLY A 381 42.77 -9.97 13.11
N GLU A 382 41.61 -9.32 12.92
CA GLU A 382 41.36 -7.94 13.40
C GLU A 382 40.55 -7.85 14.66
N THR A 383 40.13 -8.99 15.17
CA THR A 383 39.24 -9.05 16.32
C THR A 383 39.55 -8.04 17.41
N GLU A 384 40.86 -7.93 17.66
CA GLU A 384 41.45 -7.01 18.59
C GLU A 384 41.13 -5.54 18.24
N LYS A 385 41.60 -5.09 17.06
CA LYS A 385 41.30 -3.74 16.49
C LYS A 385 39.82 -3.33 16.59
N LEU A 386 38.94 -4.22 16.11
CA LEU A 386 37.49 -4.02 16.21
C LEU A 386 37.03 -3.95 17.68
N SER A 387 37.64 -4.79 18.51
CA SER A 387 37.23 -4.90 19.91
C SER A 387 37.49 -3.59 20.73
N ILE A 388 38.61 -2.93 20.46
CA ILE A 388 38.95 -1.62 21.05
C ILE A 388 37.97 -0.55 20.58
N MET A 389 37.75 -0.49 19.27
CA MET A 389 36.75 0.41 18.67
C MET A 389 35.45 0.30 19.43
N ILE A 390 34.96 -0.93 19.61
CA ILE A 390 33.68 -1.15 20.32
C ILE A 390 33.69 -0.59 21.75
N GLU A 391 34.86 -0.72 22.37
CA GLU A 391 35.13 -0.27 23.72
C GLU A 391 35.19 1.27 23.84
N GLU A 392 36.03 1.90 23.03
CA GLU A 392 36.21 3.36 22.96
C GLU A 392 34.94 4.15 22.76
N CYS A 393 33.98 3.63 22.01
CA CYS A 393 32.74 4.38 21.81
C CYS A 393 31.67 4.03 22.85
N GLY A 394 32.00 3.14 23.80
CA GLY A 394 31.13 2.85 24.95
C GLY A 394 30.23 1.66 24.70
N GLY A 395 30.64 0.82 23.77
CA GLY A 395 29.83 -0.28 23.29
C GLY A 395 30.01 -1.49 24.19
N LEU A 396 31.13 -1.53 24.91
CA LEU A 396 31.33 -2.62 25.85
C LEU A 396 30.49 -2.47 27.13
N ASP A 397 30.37 -1.25 27.66
CA ASP A 397 29.39 -0.95 28.70
C ASP A 397 27.97 -1.39 28.33
N LYS A 398 27.61 -1.31 27.04
CA LYS A 398 26.26 -1.69 26.63
C LYS A 398 26.11 -3.20 26.52
N ILE A 399 27.11 -3.87 25.97
CA ILE A 399 27.05 -5.32 25.80
C ILE A 399 27.11 -6.02 27.17
N GLU A 400 27.88 -5.41 28.10
CA GLU A 400 28.08 -5.91 29.46
C GLU A 400 26.82 -5.81 30.26
N ALA A 401 26.28 -4.59 30.34
CA ALA A 401 25.01 -4.29 30.97
C ALA A 401 23.80 -5.07 30.39
N LEU A 402 24.00 -5.70 29.24
CA LEU A 402 22.92 -6.51 28.62
C LEU A 402 22.89 -7.96 29.08
N GLN A 403 23.81 -8.31 29.98
CA GLN A 403 23.78 -9.62 30.59
C GLN A 403 22.86 -9.64 31.82
N ARG A 404 22.48 -8.45 32.30
CA ARG A 404 21.41 -8.29 33.32
C ARG A 404 20.01 -8.11 32.65
N HIS A 405 19.81 -8.78 31.52
CA HIS A 405 18.63 -8.61 30.69
C HIS A 405 17.90 -9.93 30.68
N GLU A 406 16.67 -9.91 31.18
CA GLU A 406 15.92 -11.16 31.35
C GLU A 406 15.23 -11.60 30.05
N ASN A 407 15.88 -11.31 28.93
CA ASN A 407 15.64 -12.07 27.73
C ASN A 407 16.84 -12.99 27.60
N GLU A 408 16.59 -14.29 27.46
CA GLU A 408 17.65 -15.30 27.37
C GLU A 408 18.46 -15.20 26.08
N SER A 409 17.79 -14.96 24.95
CA SER A 409 18.48 -14.72 23.68
C SER A 409 19.45 -13.56 23.80
N VAL A 410 18.95 -12.44 24.35
CA VAL A 410 19.77 -11.25 24.55
C VAL A 410 21.05 -11.60 25.30
N TYR A 411 20.94 -11.86 26.61
CA TYR A 411 22.15 -12.05 27.44
C TYR A 411 22.95 -13.32 27.22
N LYS A 412 22.36 -14.30 26.52
CA LYS A 412 23.17 -15.40 25.95
C LYS A 412 24.17 -14.88 24.92
N ALA A 413 23.67 -14.36 23.79
CA ALA A 413 24.44 -13.55 22.85
C ALA A 413 25.47 -12.56 23.47
N SER A 414 25.08 -11.70 24.42
CA SER A 414 26.05 -10.77 25.08
C SER A 414 27.23 -11.52 25.71
N LEU A 415 26.90 -12.39 26.66
CA LEU A 415 27.88 -13.27 27.29
C LEU A 415 28.78 -13.86 26.23
N ASN A 416 28.18 -14.53 25.23
CA ASN A 416 28.94 -15.05 24.10
C ASN A 416 30.02 -14.08 23.61
N LEU A 417 29.66 -12.82 23.30
CA LEU A 417 30.61 -11.78 22.82
C LEU A 417 31.58 -11.30 23.91
N ILE A 418 31.04 -11.12 25.12
CA ILE A 418 31.76 -10.63 26.30
C ILE A 418 32.94 -11.52 26.65
N GLU A 419 32.80 -12.85 26.59
CA GLU A 419 34.00 -13.68 26.54
C GLU A 419 34.53 -13.60 25.13
N LYS A 420 34.00 -14.41 24.21
CA LYS A 420 34.62 -14.68 22.89
C LYS A 420 35.65 -13.63 22.35
N TYR A 421 35.43 -12.34 22.64
CA TYR A 421 36.17 -11.22 22.04
C TYR A 421 36.72 -10.18 23.00
N PHE A 422 36.15 -10.15 24.22
CA PHE A 422 36.59 -9.27 25.31
C PHE A 422 37.07 -10.13 26.50
N LEU B 52 16.53 -14.23 4.02
CA LEU B 52 16.13 -13.30 5.09
C LEU B 52 15.26 -12.12 4.62
N LYS B 53 14.57 -12.21 3.47
CA LYS B 53 13.66 -11.09 3.01
C LYS B 53 12.48 -11.02 3.98
N ARG B 54 11.91 -9.82 4.16
CA ARG B 54 10.83 -9.59 5.18
C ARG B 54 9.61 -8.79 4.57
N LYS B 55 8.49 -9.50 4.29
CA LYS B 55 7.30 -8.98 3.52
C LYS B 55 6.32 -8.02 4.24
N LEU B 85 -5.18 5.71 0.95
CA LEU B 85 -6.00 5.85 -0.25
C LEU B 85 -7.57 5.71 -0.06
N LYS B 86 -8.06 5.25 1.08
CA LYS B 86 -9.53 5.38 1.36
C LYS B 86 -10.35 4.21 0.79
N LEU B 87 -10.85 3.35 1.72
CA LEU B 87 -11.61 2.14 1.41
C LEU B 87 -12.90 2.55 0.73
N LYS B 88 -13.56 3.61 1.22
CA LYS B 88 -14.92 3.89 0.80
C LYS B 88 -15.03 5.42 0.74
N ARG B 89 -15.89 5.94 -0.13
CA ARG B 89 -15.98 7.41 -0.35
C ARG B 89 -17.45 7.74 -0.58
N ALA B 90 -17.96 8.65 0.22
CA ALA B 90 -19.27 9.22 0.00
C ALA B 90 -19.14 10.25 -1.14
N ARG B 91 -20.17 10.40 -1.99
CA ARG B 91 -20.25 11.59 -2.86
C ARG B 91 -20.96 12.77 -2.12
N LEU B 92 -20.15 13.78 -1.75
CA LEU B 92 -20.67 15.00 -1.03
C LEU B 92 -21.27 16.05 -1.99
N ALA B 93 -22.11 16.95 -1.49
CA ALA B 93 -22.73 18.02 -2.35
C ALA B 93 -21.66 19.00 -2.90
N ASP B 94 -21.68 19.54 -4.15
CA ASP B 94 -22.52 19.22 -5.35
C ASP B 94 -23.83 20.00 -5.47
#